data_7NN7
#
_entry.id   7NN7
#
_cell.length_a   174.156
_cell.length_b   174.156
_cell.length_c   72.057
_cell.angle_alpha   90.000
_cell.angle_beta   90.000
_cell.angle_gamma   120.000
#
_symmetry.space_group_name_H-M   'H 3 2'
#
loop_
_entity.id
_entity.type
_entity.pdbx_description
1 polymer 'Acetylglutamate kinase'
2 non-polymer 'dimethyl 5-oxidanylbenzene-1,3-dicarboxylate'
3 non-polymer 1,2-ETHANEDIOL
4 non-polymer 'SULFATE ION'
5 water water
#
_entity_poly.entity_id   1
_entity_poly.type   'polypeptide(L)'
_entity_poly.pdbx_seq_one_letter_code
;GSMVSRIEALPTHIKAQVLAEALPWLKQLHGKVVVVKYGGNAMTDDTLRRAFAADMAFLRNCGIHPVVVHGGGPQITAML
RRLGIEGDFKGGFRVTTPEVLDVARMVLFGQVGRELVNLINAHGPYAVGITGEDAQLFTAVRRSVTVDGVATDIGLVGDV
DQVNTAAMLDLVAAGRIPVVSTLAPDADGVVHNINADTAAAAVAEALGAEKLLMLTDIDGLYTRWPDRDSLVSEIDTGTL
AQLLPTLESGMVPKVEACLRAVIGGVPSAHIIDGRVTHCVLVELFTDAGTGTKVVRG
;
_entity_poly.pdbx_strand_id   A
#
# COMPACT_ATOMS: atom_id res chain seq x y z
N ILE A 7 -5.41 1.64 -30.49
CA ILE A 7 -5.15 0.27 -30.04
C ILE A 7 -5.94 -0.74 -30.88
N GLU A 8 -6.43 -0.29 -32.04
CA GLU A 8 -7.21 -1.16 -32.91
C GLU A 8 -6.43 -1.65 -34.12
N ALA A 9 -5.35 -0.96 -34.50
CA ALA A 9 -4.51 -1.44 -35.59
C ALA A 9 -3.78 -2.73 -35.24
N LEU A 10 -3.79 -3.13 -33.97
CA LEU A 10 -3.04 -4.31 -33.51
C LEU A 10 -3.79 -5.58 -33.89
N PRO A 11 -3.14 -6.52 -34.58
CA PRO A 11 -3.84 -7.73 -35.03
C PRO A 11 -4.48 -8.47 -33.87
N THR A 12 -5.63 -9.06 -34.16
CA THR A 12 -6.44 -9.68 -33.12
C THR A 12 -5.83 -11.00 -32.65
N HIS A 13 -5.00 -11.65 -33.46
CA HIS A 13 -4.38 -12.89 -32.96
C HIS A 13 -3.24 -12.62 -31.98
N ILE A 14 -2.77 -11.37 -31.87
CA ILE A 14 -1.84 -11.00 -30.81
C ILE A 14 -2.59 -10.51 -29.56
N LYS A 15 -3.75 -9.86 -29.74
CA LYS A 15 -4.63 -9.59 -28.60
C LYS A 15 -4.96 -10.89 -27.86
N ALA A 16 -5.20 -11.97 -28.62
CA ALA A 16 -5.48 -13.27 -28.03
C ALA A 16 -4.32 -13.74 -27.16
N GLN A 17 -3.09 -13.74 -27.72
CA GLN A 17 -1.94 -14.25 -26.98
C GLN A 17 -1.67 -13.46 -25.71
N VAL A 18 -1.97 -12.15 -25.71
CA VAL A 18 -1.75 -11.35 -24.50
C VAL A 18 -2.70 -11.81 -23.40
N LEU A 19 -3.98 -11.99 -23.76
CA LEU A 19 -4.98 -12.49 -22.81
C LEU A 19 -4.65 -13.91 -22.36
N ALA A 20 -4.36 -14.81 -23.30
CA ALA A 20 -4.05 -16.19 -22.91
C ALA A 20 -2.88 -16.24 -21.95
N GLU A 21 -1.89 -15.36 -22.15
CA GLU A 21 -0.71 -15.32 -21.28
C GLU A 21 -1.03 -14.85 -19.87
N ALA A 22 -2.22 -14.32 -19.63
CA ALA A 22 -2.60 -14.03 -18.25
C ALA A 22 -2.97 -15.28 -17.47
N LEU A 23 -3.18 -16.42 -18.14
CA LEU A 23 -3.83 -17.55 -17.45
C LEU A 23 -3.04 -18.06 -16.27
N PRO A 24 -1.72 -18.33 -16.37
CA PRO A 24 -1.03 -18.87 -15.19
C PRO A 24 -1.12 -17.97 -13.96
N TRP A 25 -1.20 -16.66 -14.16
CA TRP A 25 -1.35 -15.78 -13.00
C TRP A 25 -2.80 -15.71 -12.53
N LEU A 26 -3.78 -15.83 -13.42
CA LEU A 26 -5.16 -15.96 -12.97
C LEU A 26 -5.32 -17.19 -12.08
N LYS A 27 -4.66 -18.30 -12.42
CA LYS A 27 -4.76 -19.52 -11.61
C LYS A 27 -4.06 -19.34 -10.26
N GLN A 28 -2.89 -18.71 -10.27
CA GLN A 28 -2.14 -18.53 -9.03
C GLN A 28 -2.90 -17.68 -8.03
N LEU A 29 -3.58 -16.64 -8.51
CA LEU A 29 -4.21 -15.67 -7.62
C LEU A 29 -5.71 -15.94 -7.36
N HIS A 30 -6.32 -16.89 -8.08
CA HIS A 30 -7.75 -17.11 -7.92
C HIS A 30 -8.09 -17.49 -6.49
N GLY A 31 -9.02 -16.74 -5.89
CA GLY A 31 -9.39 -16.94 -4.50
C GLY A 31 -8.39 -16.44 -3.47
N LYS A 32 -7.42 -15.63 -3.87
CA LYS A 32 -6.36 -15.23 -2.96
C LYS A 32 -6.49 -13.76 -2.62
N VAL A 33 -5.97 -13.41 -1.45
CA VAL A 33 -5.88 -12.01 -1.03
C VAL A 33 -4.65 -11.38 -1.66
N VAL A 34 -4.80 -10.18 -2.22
CA VAL A 34 -3.70 -9.35 -2.70
C VAL A 34 -3.82 -8.00 -2.02
N VAL A 35 -2.82 -7.62 -1.22
CA VAL A 35 -2.87 -6.32 -0.58
C VAL A 35 -2.08 -5.34 -1.43
N VAL A 36 -2.62 -4.14 -1.61
CA VAL A 36 -2.04 -3.14 -2.49
C VAL A 36 -1.88 -1.84 -1.72
N LYS A 37 -0.63 -1.40 -1.54
CA LYS A 37 -0.36 -0.05 -1.06
C LYS A 37 -0.49 0.92 -2.22
N TYR A 38 -1.40 1.86 -2.08
CA TYR A 38 -1.72 2.82 -3.11
C TYR A 38 -1.35 4.20 -2.61
N GLY A 39 -0.52 4.90 -3.37
CA GLY A 39 -0.08 6.25 -3.05
C GLY A 39 0.73 6.80 -4.22
N GLY A 40 1.37 7.93 -3.98
CA GLY A 40 2.17 8.51 -5.05
C GLY A 40 1.33 9.07 -6.19
N ASN A 41 1.98 9.21 -7.35
CA ASN A 41 1.34 9.76 -8.55
C ASN A 41 0.15 8.92 -9.03
N ALA A 42 0.12 7.62 -8.73
CA ALA A 42 -1.04 6.80 -9.04
C ALA A 42 -2.28 7.28 -8.31
N MET A 43 -2.12 8.17 -7.34
CA MET A 43 -3.20 8.70 -6.54
C MET A 43 -3.55 10.14 -6.90
N THR A 44 -2.62 10.88 -7.52
CA THR A 44 -2.80 12.30 -7.78
C THR A 44 -3.26 12.61 -9.19
N ASP A 45 -3.01 11.73 -10.17
CA ASP A 45 -3.39 12.01 -11.55
C ASP A 45 -4.65 11.24 -11.88
N ASP A 46 -5.59 11.94 -12.52
CA ASP A 46 -6.93 11.38 -12.74
C ASP A 46 -6.88 10.13 -13.61
N THR A 47 -6.03 10.12 -14.64
CA THR A 47 -5.96 8.94 -15.50
C THR A 47 -5.41 7.72 -14.76
N LEU A 48 -4.32 7.90 -14.02
CA LEU A 48 -3.75 6.80 -13.24
C LEU A 48 -4.71 6.37 -12.13
N ARG A 49 -5.36 7.34 -11.48
CA ARG A 49 -6.40 7.07 -10.51
C ARG A 49 -7.49 6.17 -11.09
N ARG A 50 -8.11 6.61 -12.19
CA ARG A 50 -9.23 5.85 -12.76
C ARG A 50 -8.81 4.45 -13.15
N ALA A 51 -7.61 4.32 -13.74
CA ALA A 51 -7.09 3.01 -14.10
C ALA A 51 -6.87 2.14 -12.86
N PHE A 52 -6.36 2.72 -11.77
CA PHE A 52 -6.16 1.92 -10.56
C PHE A 52 -7.49 1.35 -10.06
N ALA A 53 -8.53 2.20 -9.99
CA ALA A 53 -9.84 1.72 -9.55
C ALA A 53 -10.39 0.66 -10.49
N ALA A 54 -10.19 0.83 -11.81
CA ALA A 54 -10.60 -0.19 -12.77
C ALA A 54 -9.89 -1.50 -12.51
N ASP A 55 -8.61 -1.44 -12.17
CA ASP A 55 -7.83 -2.65 -11.94
C ASP A 55 -8.33 -3.39 -10.71
N MET A 56 -8.70 -2.66 -9.65
CA MET A 56 -9.33 -3.28 -8.50
C MET A 56 -10.65 -3.95 -8.88
N ALA A 57 -11.47 -3.30 -9.71
CA ALA A 57 -12.66 -3.95 -10.21
C ALA A 57 -12.30 -5.22 -11.00
N PHE A 58 -11.25 -5.15 -11.82
CA PHE A 58 -10.77 -6.29 -12.60
C PHE A 58 -10.47 -7.49 -11.70
N LEU A 59 -9.58 -7.32 -10.73
CA LEU A 59 -9.23 -8.41 -9.80
C LEU A 59 -10.48 -9.02 -9.21
N ARG A 60 -11.37 -8.15 -8.75
CA ARG A 60 -12.60 -8.57 -8.10
C ARG A 60 -13.52 -9.30 -9.08
N ASN A 61 -13.54 -8.91 -10.36
CA ASN A 61 -14.31 -9.65 -11.34
C ASN A 61 -13.56 -10.85 -11.89
N CYS A 62 -12.43 -11.19 -11.28
CA CYS A 62 -11.71 -12.43 -11.53
C CYS A 62 -11.76 -13.39 -10.35
N GLY A 63 -12.50 -13.06 -9.30
CA GLY A 63 -12.51 -13.91 -8.11
C GLY A 63 -11.25 -13.80 -7.27
N ILE A 64 -10.47 -12.74 -7.45
CA ILE A 64 -9.33 -12.35 -6.64
C ILE A 64 -9.85 -11.40 -5.57
N HIS A 65 -9.17 -11.32 -4.42
CA HIS A 65 -9.65 -10.51 -3.29
C HIS A 65 -8.71 -9.33 -2.98
N PRO A 66 -8.80 -8.20 -3.68
CA PRO A 66 -7.87 -7.09 -3.39
C PRO A 66 -8.26 -6.42 -2.08
N VAL A 67 -7.23 -6.02 -1.34
CA VAL A 67 -7.39 -5.13 -0.19
C VAL A 67 -6.47 -3.93 -0.44
N VAL A 68 -7.01 -2.73 -0.33
CA VAL A 68 -6.28 -1.50 -0.65
C VAL A 68 -5.94 -0.76 0.63
N VAL A 69 -4.65 -0.46 0.82
CA VAL A 69 -4.22 0.43 1.89
C VAL A 69 -3.66 1.68 1.24
N HIS A 70 -4.12 2.85 1.71
CA HIS A 70 -3.71 4.11 1.09
C HIS A 70 -3.03 5.01 2.12
N GLY A 71 -2.12 5.85 1.61
CA GLY A 71 -1.49 6.91 2.36
C GLY A 71 -2.13 8.26 2.05
N GLY A 72 -1.36 9.32 2.24
CA GLY A 72 -1.89 10.65 2.03
C GLY A 72 -1.16 11.74 2.79
N GLY A 73 0.13 11.55 3.00
CA GLY A 73 0.96 12.51 3.69
C GLY A 73 0.77 13.94 3.22
N PRO A 74 0.97 14.20 1.92
CA PRO A 74 0.90 15.60 1.44
C PRO A 74 -0.47 16.24 1.62
N GLN A 75 -1.56 15.46 1.56
CA GLN A 75 -2.88 16.05 1.73
C GLN A 75 -3.10 16.47 3.17
N ILE A 76 -2.50 15.74 4.10
CA ILE A 76 -2.58 16.12 5.51
C ILE A 76 -1.88 17.45 5.71
N THR A 77 -0.62 17.54 5.25
CA THR A 77 0.13 18.80 5.33
C THR A 77 -0.66 19.96 4.77
N ALA A 78 -1.24 19.80 3.59
CA ALA A 78 -1.97 20.92 2.99
C ALA A 78 -3.16 21.31 3.84
N MET A 79 -3.87 20.34 4.43
CA MET A 79 -5.00 20.70 5.28
C MET A 79 -4.53 21.41 6.55
N LEU A 80 -3.42 20.96 7.14
CA LEU A 80 -2.90 21.63 8.33
C LEU A 80 -2.53 23.08 8.01
N ARG A 81 -1.96 23.32 6.83
CA ARG A 81 -1.62 24.69 6.46
C ARG A 81 -2.88 25.52 6.24
N ARG A 82 -3.90 24.94 5.59
CA ARG A 82 -5.16 25.66 5.41
C ARG A 82 -5.79 26.04 6.76
N LEU A 83 -5.65 25.18 7.76
CA LEU A 83 -6.23 25.44 9.07
C LEU A 83 -5.34 26.28 9.97
N GLY A 84 -4.16 26.69 9.50
CA GLY A 84 -3.29 27.47 10.35
C GLY A 84 -2.76 26.74 11.55
N ILE A 85 -2.68 25.41 11.50
CA ILE A 85 -2.15 24.63 12.61
C ILE A 85 -0.64 24.59 12.48
N GLU A 86 0.05 25.28 13.40
CA GLU A 86 1.50 25.32 13.39
C GLU A 86 2.05 23.98 13.86
N GLY A 87 2.95 23.40 13.08
CA GLY A 87 3.54 22.14 13.43
C GLY A 87 4.74 22.29 14.34
N ASP A 88 4.97 21.28 15.16
CA ASP A 88 6.23 21.10 15.86
C ASP A 88 6.98 19.97 15.18
N PHE A 89 8.30 20.10 15.07
CA PHE A 89 9.10 19.16 14.30
C PHE A 89 10.30 18.71 15.12
N LYS A 90 10.45 17.39 15.27
CA LYS A 90 11.64 16.78 15.86
C LYS A 90 12.33 15.98 14.77
N GLY A 91 13.58 16.34 14.47
CA GLY A 91 14.19 15.82 13.26
C GLY A 91 13.39 16.25 12.06
N GLY A 92 13.13 15.30 11.17
CA GLY A 92 12.25 15.59 10.06
C GLY A 92 10.80 15.23 10.29
N PHE A 93 10.42 14.91 11.53
CA PHE A 93 9.08 14.40 11.82
C PHE A 93 8.21 15.49 12.46
N ARG A 94 7.00 15.64 11.94
CA ARG A 94 5.97 16.40 12.62
C ARG A 94 5.47 15.66 13.86
N VAL A 95 5.31 16.36 14.97
CA VAL A 95 4.71 15.76 16.17
C VAL A 95 3.20 15.67 15.99
N THR A 96 2.65 14.48 16.15
CA THR A 96 1.20 14.29 15.94
C THR A 96 0.49 14.55 17.27
N THR A 97 0.13 15.81 17.51
CA THR A 97 -0.71 16.18 18.65
C THR A 97 -2.11 15.61 18.46
N PRO A 98 -2.95 15.59 19.52
CA PRO A 98 -4.36 15.22 19.31
C PRO A 98 -5.02 15.99 18.18
N GLU A 99 -4.65 17.26 18.01
CA GLU A 99 -5.24 18.11 16.95
C GLU A 99 -4.80 17.61 15.58
N VAL A 100 -3.51 17.34 15.41
CA VAL A 100 -2.98 16.88 14.10
C VAL A 100 -3.65 15.56 13.73
N LEU A 101 -3.89 14.70 14.72
CA LEU A 101 -4.49 13.38 14.43
C LEU A 101 -5.92 13.56 13.94
N ASP A 102 -6.71 14.38 14.62
CA ASP A 102 -8.09 14.63 14.16
C ASP A 102 -8.06 15.06 12.70
N VAL A 103 -7.14 15.96 12.35
CA VAL A 103 -7.02 16.42 10.94
C VAL A 103 -6.58 15.23 10.08
N ALA A 104 -5.53 14.51 10.49
CA ALA A 104 -5.06 13.41 9.69
C ALA A 104 -6.19 12.41 9.43
N ARG A 105 -6.91 12.03 10.50
CA ARG A 105 -8.00 11.06 10.35
C ARG A 105 -9.08 11.61 9.43
N MET A 106 -9.43 12.86 9.59
CA MET A 106 -10.45 13.48 8.79
C MET A 106 -10.05 13.57 7.32
N VAL A 107 -8.79 13.80 7.05
CA VAL A 107 -8.32 13.89 5.66
C VAL A 107 -8.22 12.50 5.03
N LEU A 108 -7.55 11.59 5.72
CA LEU A 108 -7.33 10.25 5.18
C LEU A 108 -8.65 9.51 5.00
N PHE A 109 -9.47 9.48 6.04
CA PHE A 109 -10.71 8.73 6.00
C PHE A 109 -11.82 9.52 5.33
N GLY A 110 -11.92 10.83 5.56
CA GLY A 110 -13.06 11.57 5.04
C GLY A 110 -12.86 12.25 3.70
N GLN A 111 -11.66 12.17 3.13
CA GLN A 111 -11.35 12.80 1.86
C GLN A 111 -10.68 11.80 0.94
N VAL A 112 -9.47 11.37 1.30
CA VAL A 112 -8.66 10.57 0.40
C VAL A 112 -9.29 9.18 0.18
N GLY A 113 -9.71 8.53 1.27
CA GLY A 113 -10.39 7.24 1.13
C GLY A 113 -11.69 7.34 0.34
N ARG A 114 -12.45 8.41 0.57
CA ARG A 114 -13.72 8.60 -0.12
C ARG A 114 -13.54 8.64 -1.62
N GLU A 115 -12.50 9.32 -2.11
CA GLU A 115 -12.29 9.43 -3.54
C GLU A 115 -12.08 8.06 -4.16
N LEU A 116 -11.29 7.21 -3.50
CA LEU A 116 -11.00 5.90 -4.06
C LEU A 116 -12.23 4.99 -4.01
N VAL A 117 -12.98 5.05 -2.92
CA VAL A 117 -14.21 4.25 -2.78
C VAL A 117 -15.18 4.58 -3.91
N ASN A 118 -15.34 5.87 -4.20
CA ASN A 118 -16.27 6.27 -5.24
C ASN A 118 -15.76 5.92 -6.62
N LEU A 119 -14.46 5.91 -6.80
CA LEU A 119 -13.90 5.60 -8.08
C LEU A 119 -14.10 4.13 -8.37
N ILE A 120 -13.76 3.31 -7.41
CA ILE A 120 -13.94 1.89 -7.54
C ILE A 120 -15.40 1.60 -7.75
N ASN A 121 -16.24 2.21 -6.94
CA ASN A 121 -17.66 1.96 -7.03
C ASN A 121 -18.37 2.41 -8.28
N ALA A 122 -17.62 2.97 -9.20
CA ALA A 122 -18.18 3.33 -10.47
C ALA A 122 -18.40 2.04 -11.24
N HIS A 123 -17.72 0.98 -10.85
CA HIS A 123 -17.82 -0.31 -11.49
C HIS A 123 -18.72 -1.28 -10.79
N GLY A 124 -19.18 -0.95 -9.60
CA GLY A 124 -20.05 -1.84 -8.87
C GLY A 124 -20.01 -1.60 -7.39
N PRO A 125 -20.91 -2.36 -6.64
CA PRO A 125 -20.89 -2.08 -5.21
C PRO A 125 -19.76 -2.80 -4.51
N TYR A 126 -18.54 -2.44 -4.82
CA TYR A 126 -17.41 -3.13 -4.23
C TYR A 126 -16.70 -2.51 -3.05
N ALA A 127 -16.23 -1.29 -3.21
CA ALA A 127 -15.48 -0.64 -2.17
C ALA A 127 -16.17 -0.28 -0.88
N VAL A 128 -15.44 -0.46 0.20
CA VAL A 128 -15.93 -0.14 1.51
C VAL A 128 -14.77 0.46 2.28
N GLY A 129 -14.97 1.65 2.81
CA GLY A 129 -13.92 2.31 3.53
C GLY A 129 -13.89 2.05 5.00
N ILE A 130 -12.71 1.84 5.53
CA ILE A 130 -12.60 1.56 6.92
C ILE A 130 -11.29 1.93 7.54
N THR A 131 -11.30 2.10 8.84
CA THR A 131 -10.09 2.22 9.63
C THR A 131 -10.06 1.09 10.65
N GLY A 132 -8.99 1.06 11.44
CA GLY A 132 -8.93 0.16 12.55
C GLY A 132 -10.02 0.38 13.58
N GLU A 133 -10.60 1.59 13.63
CA GLU A 133 -11.66 1.88 14.59
C GLU A 133 -12.92 1.05 14.31
N ASP A 134 -13.22 0.81 13.03
CA ASP A 134 -14.48 0.18 12.68
C ASP A 134 -14.43 -1.31 13.03
N ALA A 135 -15.46 -1.75 13.76
CA ALA A 135 -15.56 -3.15 14.21
C ALA A 135 -14.27 -3.66 14.83
N GLN A 136 -13.46 -2.74 15.41
CA GLN A 136 -12.19 -3.10 16.06
C GLN A 136 -11.32 -3.94 15.14
N LEU A 137 -11.20 -3.49 13.89
CA LEU A 137 -10.59 -4.35 12.87
C LEU A 137 -9.09 -4.50 13.08
N PHE A 138 -8.42 -3.48 13.59
CA PHE A 138 -7.03 -3.63 14.00
C PHE A 138 -6.70 -2.54 15.01
N THR A 139 -5.68 -2.82 15.81
CA THR A 139 -5.24 -1.90 16.84
C THR A 139 -3.85 -1.37 16.50
N ALA A 140 -3.46 -0.33 17.24
CA ALA A 140 -2.18 0.32 17.05
C ALA A 140 -1.37 0.28 18.34
N VAL A 141 -0.06 0.24 18.21
CA VAL A 141 0.84 0.42 19.34
C VAL A 141 1.71 1.64 19.05
N ARG A 142 1.78 2.55 20.01
CA ARG A 142 2.57 3.77 19.85
C ARG A 142 4.00 3.43 19.51
N ARG A 143 4.53 4.10 18.48
CA ARG A 143 5.89 3.86 18.00
C ARG A 143 6.72 5.09 18.29
N SER A 144 7.99 4.87 18.62
CA SER A 144 8.97 5.93 18.67
C SER A 144 9.75 5.98 17.37
N VAL A 145 10.40 7.12 17.15
CA VAL A 145 11.37 7.28 16.09
C VAL A 145 12.71 7.59 16.78
N THR A 146 13.79 7.32 16.07
CA THR A 146 15.10 7.71 16.56
C THR A 146 15.64 8.81 15.65
N VAL A 147 16.00 9.94 16.27
CA VAL A 147 16.48 11.12 15.55
C VAL A 147 17.90 11.40 16.02
N ASP A 148 18.82 11.58 15.07
CA ASP A 148 20.22 11.88 15.38
C ASP A 148 20.77 10.95 16.46
N GLY A 149 20.26 9.71 16.51
CA GLY A 149 20.81 8.68 17.38
C GLY A 149 19.96 8.29 18.57
N VAL A 150 18.90 9.02 18.91
CA VAL A 150 18.14 8.80 20.13
C VAL A 150 16.67 8.60 19.81
N ALA A 151 16.06 7.58 20.42
CA ALA A 151 14.64 7.33 20.28
C ALA A 151 13.84 8.45 20.95
N THR A 152 12.71 8.80 20.34
CA THR A 152 12.00 9.99 20.77
C THR A 152 10.52 9.90 20.39
N ASP A 153 9.69 10.56 21.19
CA ASP A 153 8.24 10.50 21.03
C ASP A 153 7.79 11.60 20.08
N ILE A 154 6.96 11.24 19.10
CA ILE A 154 6.43 12.20 18.15
C ILE A 154 4.92 12.12 18.14
N GLY A 155 4.34 11.83 19.29
CA GLY A 155 2.90 11.91 19.42
C GLY A 155 2.20 10.62 19.02
N LEU A 156 0.96 10.79 18.56
CA LEU A 156 0.00 9.71 18.33
C LEU A 156 0.26 9.01 16.99
N VAL A 157 1.45 8.44 16.88
CA VAL A 157 1.87 7.71 15.70
C VAL A 157 2.23 6.31 16.15
N GLY A 158 1.87 5.32 15.35
CA GLY A 158 2.13 3.96 15.80
C GLY A 158 2.33 2.96 14.69
N ASP A 159 2.42 1.69 15.08
CA ASP A 159 2.44 0.55 14.17
C ASP A 159 1.20 -0.28 14.40
N VAL A 160 0.81 -1.04 13.37
CA VAL A 160 -0.30 -1.97 13.54
C VAL A 160 0.06 -2.96 14.63
N ASP A 161 -0.86 -3.18 15.58
CA ASP A 161 -0.59 -4.11 16.67
C ASP A 161 -1.19 -5.48 16.35
N GLN A 162 -2.49 -5.65 16.57
CA GLN A 162 -3.20 -6.87 16.22
C GLN A 162 -4.22 -6.57 15.12
N VAL A 163 -4.53 -7.60 14.34
CA VAL A 163 -5.48 -7.48 13.23
C VAL A 163 -6.60 -8.47 13.46
N ASN A 164 -7.85 -8.02 13.31
CA ASN A 164 -8.99 -8.92 13.38
C ASN A 164 -9.04 -9.69 12.07
N THR A 165 -8.17 -10.69 11.96
CA THR A 165 -8.04 -11.43 10.71
C THR A 165 -9.37 -12.05 10.29
N ALA A 166 -10.09 -12.65 11.25
CA ALA A 166 -11.36 -13.31 10.92
C ALA A 166 -12.35 -12.32 10.33
N ALA A 167 -12.65 -11.24 11.05
CA ALA A 167 -13.65 -10.28 10.57
C ALA A 167 -13.24 -9.67 9.24
N MET A 168 -11.94 -9.48 9.03
CA MET A 168 -11.48 -8.86 7.79
C MET A 168 -11.71 -9.79 6.60
N LEU A 169 -11.43 -11.08 6.78
CA LEU A 169 -11.61 -12.04 5.69
C LEU A 169 -13.09 -12.31 5.40
N ASP A 170 -13.93 -12.35 6.44
CA ASP A 170 -15.37 -12.32 6.21
C ASP A 170 -15.73 -11.18 5.28
N LEU A 171 -15.17 -9.99 5.53
CA LEU A 171 -15.52 -8.83 4.75
C LEU A 171 -15.15 -9.02 3.28
N VAL A 172 -14.00 -9.66 3.01
CA VAL A 172 -13.62 -9.83 1.62
C VAL A 172 -14.33 -11.04 1.01
N ALA A 173 -14.56 -12.10 1.79
CA ALA A 173 -15.35 -13.22 1.27
C ALA A 173 -16.76 -12.77 0.88
N ALA A 174 -17.28 -11.76 1.55
CA ALA A 174 -18.59 -11.21 1.21
C ALA A 174 -18.59 -10.46 -0.13
N GLY A 175 -17.45 -10.35 -0.80
CA GLY A 175 -17.35 -9.63 -2.06
C GLY A 175 -16.88 -8.18 -1.98
N ARG A 176 -16.41 -7.73 -0.83
CA ARG A 176 -16.02 -6.34 -0.73
C ARG A 176 -14.56 -6.04 -0.87
N ILE A 177 -14.27 -4.84 -1.35
CA ILE A 177 -12.92 -4.38 -1.48
C ILE A 177 -12.69 -3.37 -0.39
N PRO A 178 -12.00 -3.83 0.71
CA PRO A 178 -11.77 -2.82 1.74
C PRO A 178 -10.78 -1.77 1.29
N VAL A 179 -11.03 -0.53 1.64
CA VAL A 179 -10.12 0.54 1.33
C VAL A 179 -9.77 1.02 2.70
N VAL A 180 -8.55 0.75 3.11
CA VAL A 180 -8.12 1.07 4.43
C VAL A 180 -7.35 2.35 4.68
N SER A 181 -7.84 3.14 5.62
CA SER A 181 -7.20 4.36 6.04
C SER A 181 -6.51 3.91 7.30
N THR A 182 -5.21 4.14 7.37
CA THR A 182 -4.39 3.67 8.47
C THR A 182 -4.41 4.35 9.81
N LEU A 183 -5.53 4.26 10.49
CA LEU A 183 -5.66 4.81 11.81
C LEU A 183 -6.31 3.75 12.65
N ALA A 184 -5.90 3.63 13.90
CA ALA A 184 -6.48 2.62 14.76
C ALA A 184 -6.27 2.98 16.19
N PRO A 185 -7.12 2.49 17.06
CA PRO A 185 -6.96 2.78 18.48
C PRO A 185 -5.87 1.92 19.09
N ASP A 186 -5.24 2.43 20.15
CA ASP A 186 -4.35 1.58 20.93
C ASP A 186 -5.19 0.82 21.95
N ALA A 187 -4.54 0.13 22.89
CA ALA A 187 -5.30 -0.71 23.81
C ALA A 187 -6.16 0.12 24.76
N ASP A 188 -5.95 1.43 24.84
CA ASP A 188 -6.77 2.30 25.66
C ASP A 188 -7.82 3.05 24.85
N GLY A 189 -8.00 2.71 23.58
CA GLY A 189 -8.98 3.40 22.77
C GLY A 189 -8.51 4.69 22.15
N VAL A 190 -7.23 5.04 22.30
CA VAL A 190 -6.71 6.31 21.80
C VAL A 190 -6.21 6.09 20.37
N VAL A 191 -6.81 6.76 19.41
CA VAL A 191 -6.55 6.50 18.01
C VAL A 191 -5.19 7.09 17.62
N HIS A 192 -4.40 6.29 16.89
CA HIS A 192 -3.09 6.70 16.38
C HIS A 192 -3.12 6.67 14.85
N ASN A 193 -2.20 7.40 14.23
CA ASN A 193 -2.00 7.33 12.79
C ASN A 193 -0.82 6.42 12.48
N ILE A 194 -0.98 5.55 11.49
CA ILE A 194 0.03 4.53 11.17
C ILE A 194 0.59 4.80 9.78
N ASN A 195 1.91 4.69 9.62
CA ASN A 195 2.53 4.75 8.31
C ASN A 195 1.88 3.75 7.36
N ALA A 196 1.44 4.23 6.20
CA ALA A 196 0.64 3.38 5.32
C ALA A 196 1.45 2.22 4.73
N ASP A 197 2.74 2.44 4.47
CA ASP A 197 3.59 1.39 3.95
C ASP A 197 3.72 0.25 4.95
N THR A 198 4.12 0.55 6.19
CA THR A 198 4.22 -0.50 7.19
C THR A 198 2.86 -1.16 7.44
N ALA A 199 1.79 -0.37 7.47
CA ALA A 199 0.47 -0.96 7.71
C ALA A 199 0.09 -1.95 6.63
N ALA A 200 0.47 -1.67 5.39
CA ALA A 200 0.13 -2.58 4.30
C ALA A 200 0.83 -3.92 4.49
N ALA A 201 2.11 -3.88 4.88
CA ALA A 201 2.84 -5.10 5.18
C ALA A 201 2.19 -5.89 6.31
N ALA A 202 1.73 -5.20 7.36
CA ALA A 202 1.11 -5.92 8.48
C ALA A 202 -0.21 -6.55 8.07
N VAL A 203 -1.00 -5.85 7.25
CA VAL A 203 -2.26 -6.41 6.78
C VAL A 203 -2.01 -7.61 5.87
N ALA A 204 -1.04 -7.50 4.95
CA ALA A 204 -0.73 -8.61 4.07
C ALA A 204 -0.36 -9.85 4.88
N GLU A 205 0.52 -9.69 5.88
CA GLU A 205 0.93 -10.82 6.70
C GLU A 205 -0.24 -11.38 7.52
N ALA A 206 -1.07 -10.51 8.10
CA ALA A 206 -2.16 -10.98 8.95
C ALA A 206 -3.21 -11.71 8.13
N LEU A 207 -3.49 -11.25 6.91
CA LEU A 207 -4.53 -11.86 6.10
C LEU A 207 -4.03 -13.03 5.27
N GLY A 208 -2.78 -13.42 5.40
CA GLY A 208 -2.27 -14.53 4.59
C GLY A 208 -2.29 -14.20 3.11
N ALA A 209 -1.96 -12.95 2.75
CA ALA A 209 -2.04 -12.53 1.36
C ALA A 209 -1.06 -13.33 0.49
N GLU A 210 -1.43 -13.49 -0.78
CA GLU A 210 -0.53 -14.12 -1.73
C GLU A 210 0.54 -13.13 -2.19
N LYS A 211 0.17 -11.87 -2.43
CA LYS A 211 1.14 -10.86 -2.85
C LYS A 211 0.88 -9.57 -2.09
N LEU A 212 1.96 -8.82 -1.84
CA LEU A 212 1.88 -7.42 -1.45
C LEU A 212 2.41 -6.59 -2.62
N LEU A 213 1.63 -5.61 -3.06
CA LEU A 213 2.06 -4.67 -4.08
C LEU A 213 2.25 -3.29 -3.45
N MET A 214 3.39 -2.67 -3.71
CA MET A 214 3.75 -1.34 -3.20
C MET A 214 3.88 -0.39 -4.39
N LEU A 215 2.84 0.40 -4.66
CA LEU A 215 2.93 1.40 -5.73
C LEU A 215 3.81 2.56 -5.25
N THR A 216 4.90 2.80 -5.98
CA THR A 216 5.85 3.88 -5.70
C THR A 216 6.09 4.66 -6.99
N ASP A 217 6.75 5.82 -6.86
CA ASP A 217 7.06 6.64 -8.03
C ASP A 217 8.48 6.40 -8.54
N ILE A 218 8.85 5.13 -8.78
CA ILE A 218 10.17 4.81 -9.32
C ILE A 218 10.02 3.55 -10.18
N ASP A 219 10.98 3.35 -11.09
CA ASP A 219 10.92 2.18 -11.98
C ASP A 219 10.99 0.89 -11.17
N GLY A 220 11.75 0.91 -10.09
CA GLY A 220 12.01 -0.26 -9.28
C GLY A 220 13.23 0.01 -8.43
N LEU A 221 13.61 -1.01 -7.68
CA LEU A 221 14.72 -0.89 -6.75
C LEU A 221 16.05 -0.86 -7.49
N TYR A 222 16.81 0.22 -7.29
CA TYR A 222 18.18 0.32 -7.75
C TYR A 222 19.12 0.00 -6.60
N THR A 223 20.16 -0.80 -6.89
CA THR A 223 21.14 -1.13 -5.85
C THR A 223 22.13 0.02 -5.63
N ARG A 224 22.60 0.61 -6.72
CA ARG A 224 23.51 1.73 -6.63
C ARG A 224 22.95 2.92 -7.37
N TRP A 225 21.86 3.45 -6.87
CA TRP A 225 21.26 4.62 -7.48
C TRP A 225 22.32 5.72 -7.55
N PRO A 226 22.43 6.40 -8.70
CA PRO A 226 21.58 6.17 -9.87
C PRO A 226 22.22 5.52 -11.10
N ASP A 227 23.14 4.56 -10.95
CA ASP A 227 23.58 3.77 -12.09
C ASP A 227 22.37 3.03 -12.67
N ARG A 228 22.12 3.23 -13.97
CA ARG A 228 20.93 2.65 -14.60
C ARG A 228 20.95 1.13 -14.55
N ASP A 229 22.12 0.51 -14.66
CA ASP A 229 22.18 -0.94 -14.74
C ASP A 229 22.10 -1.61 -13.37
N SER A 230 22.00 -0.84 -12.29
CA SER A 230 21.82 -1.41 -10.95
C SER A 230 20.37 -1.80 -10.67
N LEU A 231 19.45 -1.53 -11.58
CA LEU A 231 18.06 -1.94 -11.41
C LEU A 231 17.95 -3.45 -11.46
N VAL A 232 17.23 -4.04 -10.51
CA VAL A 232 17.10 -5.49 -10.41
C VAL A 232 15.62 -5.89 -10.55
N SER A 233 15.41 -7.14 -10.94
CA SER A 233 14.06 -7.68 -11.12
C SER A 233 13.55 -8.46 -9.93
N GLU A 234 14.46 -9.06 -9.17
CA GLU A 234 14.08 -9.96 -8.09
C GLU A 234 15.23 -9.98 -7.10
N ILE A 235 14.90 -10.06 -5.81
CA ILE A 235 15.95 -10.10 -4.79
C ILE A 235 15.38 -10.79 -3.57
N ASP A 236 16.24 -11.50 -2.84
CA ASP A 236 15.79 -12.16 -1.63
C ASP A 236 15.90 -11.23 -0.42
N THR A 237 15.23 -11.63 0.65
CA THR A 237 15.15 -10.77 1.84
C THR A 237 16.52 -10.57 2.48
N GLY A 238 17.31 -11.65 2.58
CA GLY A 238 18.63 -11.52 3.18
C GLY A 238 19.50 -10.53 2.44
N THR A 239 19.53 -10.62 1.11
CA THR A 239 20.35 -9.70 0.32
C THR A 239 19.84 -8.27 0.46
N LEU A 240 18.52 -8.10 0.55
CA LEU A 240 17.96 -6.75 0.57
C LEU A 240 18.07 -6.13 1.95
N ALA A 241 17.96 -6.95 2.99
CA ALA A 241 18.14 -6.46 4.35
C ALA A 241 19.52 -5.82 4.52
N GLN A 242 20.55 -6.43 3.94
CA GLN A 242 21.89 -5.86 4.08
C GLN A 242 22.11 -4.66 3.17
N LEU A 243 21.29 -4.51 2.12
CA LEU A 243 21.34 -3.30 1.29
C LEU A 243 20.61 -2.13 1.93
N LEU A 244 19.72 -2.41 2.88
CA LEU A 244 18.84 -1.40 3.44
C LEU A 244 19.52 -0.10 3.86
N PRO A 245 20.62 -0.09 4.62
CA PRO A 245 21.16 1.20 5.11
C PRO A 245 21.80 2.07 4.04
N THR A 246 21.75 1.68 2.76
CA THR A 246 22.33 2.47 1.69
C THR A 246 21.30 3.18 0.81
N LEU A 247 20.03 2.78 0.87
CA LEU A 247 19.05 3.30 -0.08
C LEU A 247 18.65 4.74 0.24
N GLU A 248 18.15 5.43 -0.79
CA GLU A 248 17.61 6.77 -0.64
C GLU A 248 16.49 6.78 0.39
N SER A 249 16.29 7.94 1.02
CA SER A 249 15.35 8.07 2.13
C SER A 249 13.96 7.56 1.76
N GLY A 250 13.48 7.89 0.56
CA GLY A 250 12.12 7.57 0.20
C GLY A 250 11.86 6.08 0.03
N MET A 251 12.90 5.31 -0.30
CA MET A 251 12.74 3.88 -0.57
C MET A 251 12.72 3.03 0.68
N VAL A 252 13.26 3.52 1.80
CA VAL A 252 13.39 2.68 3.00
C VAL A 252 12.03 2.19 3.50
N PRO A 253 11.02 3.04 3.70
CA PRO A 253 9.72 2.51 4.18
C PRO A 253 9.14 1.42 3.29
N LYS A 254 9.29 1.55 1.97
CA LYS A 254 8.75 0.54 1.06
C LYS A 254 9.55 -0.76 1.15
N VAL A 255 10.87 -0.65 1.32
CA VAL A 255 11.70 -1.83 1.47
C VAL A 255 11.49 -2.50 2.82
N GLU A 256 11.39 -1.71 3.89
CA GLU A 256 11.11 -2.29 5.19
C GLU A 256 9.77 -3.02 5.18
N ALA A 257 8.79 -2.48 4.45
CA ALA A 257 7.51 -3.15 4.32
C ALA A 257 7.66 -4.50 3.61
N CYS A 258 8.36 -4.50 2.46
CA CYS A 258 8.53 -5.74 1.73
C CYS A 258 9.27 -6.78 2.55
N LEU A 259 10.23 -6.34 3.37
CA LEU A 259 10.96 -7.28 4.20
C LEU A 259 10.06 -7.88 5.27
N ARG A 260 9.32 -7.04 5.99
CA ARG A 260 8.45 -7.55 7.04
C ARG A 260 7.39 -8.48 6.48
N ALA A 261 6.88 -8.17 5.28
CA ALA A 261 5.81 -8.98 4.71
C ALA A 261 6.29 -10.37 4.33
N VAL A 262 7.34 -10.43 3.51
CA VAL A 262 7.81 -11.70 2.97
C VAL A 262 8.51 -12.54 4.04
N ILE A 263 9.22 -11.91 4.97
CA ILE A 263 9.71 -12.66 6.13
C ILE A 263 8.53 -13.13 6.97
N GLY A 264 7.46 -12.35 7.03
CA GLY A 264 6.26 -12.74 7.74
C GLY A 264 5.47 -13.86 7.09
N GLY A 265 5.90 -14.35 5.93
CA GLY A 265 5.24 -15.48 5.29
C GLY A 265 4.58 -15.16 3.96
N VAL A 266 4.46 -13.89 3.59
CA VAL A 266 3.84 -13.50 2.33
C VAL A 266 4.72 -13.95 1.17
N PRO A 267 4.20 -14.77 0.24
CA PRO A 267 5.08 -15.38 -0.79
C PRO A 267 5.90 -14.38 -1.58
N SER A 268 5.34 -13.24 -1.99
CA SER A 268 6.19 -12.24 -2.63
C SER A 268 5.60 -10.84 -2.43
N ALA A 269 6.50 -9.86 -2.33
CA ALA A 269 6.17 -8.44 -2.29
C ALA A 269 6.80 -7.75 -3.48
N HIS A 270 6.11 -6.76 -4.04
CA HIS A 270 6.55 -6.16 -5.28
C HIS A 270 6.59 -4.65 -5.13
N ILE A 271 7.68 -4.05 -5.58
CA ILE A 271 7.82 -2.61 -5.70
C ILE A 271 7.58 -2.30 -7.16
N ILE A 272 6.47 -1.63 -7.48
CA ILE A 272 6.09 -1.39 -8.86
C ILE A 272 5.88 0.10 -9.06
N ASP A 273 6.02 0.51 -10.32
CA ASP A 273 5.99 1.90 -10.73
C ASP A 273 4.55 2.39 -10.84
N GLY A 274 4.12 3.20 -9.87
CA GLY A 274 2.77 3.74 -9.88
C GLY A 274 2.52 4.81 -10.93
N ARG A 275 3.55 5.25 -11.66
CA ARG A 275 3.32 6.21 -12.74
C ARG A 275 2.93 5.53 -14.05
N VAL A 276 2.93 4.20 -14.08
CA VAL A 276 2.54 3.45 -15.27
C VAL A 276 1.05 3.15 -15.18
N THR A 277 0.31 3.51 -16.22
CA THR A 277 -1.12 3.22 -16.25
C THR A 277 -1.35 1.71 -16.20
N HIS A 278 -2.22 1.30 -15.26
CA HIS A 278 -2.58 -0.10 -15.07
C HIS A 278 -1.39 -0.92 -14.58
N CYS A 279 -0.49 -0.30 -13.81
CA CYS A 279 0.67 -1.03 -13.31
C CYS A 279 0.26 -2.33 -12.63
N VAL A 280 -0.86 -2.31 -11.90
CA VAL A 280 -1.31 -3.55 -11.25
C VAL A 280 -1.55 -4.65 -12.28
N LEU A 281 -2.34 -4.35 -13.32
CA LEU A 281 -2.56 -5.36 -14.37
C LEU A 281 -1.24 -5.82 -14.98
N VAL A 282 -0.32 -4.89 -15.20
CA VAL A 282 0.96 -5.26 -15.80
C VAL A 282 1.74 -6.17 -14.87
N GLU A 283 1.78 -5.81 -13.58
CA GLU A 283 2.62 -6.57 -12.65
C GLU A 283 2.07 -7.97 -12.41
N LEU A 284 0.75 -8.13 -12.34
CA LEU A 284 0.18 -9.41 -11.94
C LEU A 284 -0.06 -10.37 -13.09
N PHE A 285 -0.39 -9.87 -14.28
CA PHE A 285 -0.87 -10.72 -15.37
C PHE A 285 0.06 -10.73 -16.59
N THR A 286 1.26 -10.18 -16.45
CA THR A 286 2.21 -10.03 -17.54
C THR A 286 3.59 -10.35 -17.01
N ASP A 287 4.49 -10.85 -17.87
CA ASP A 287 5.86 -11.13 -17.47
C ASP A 287 6.81 -9.96 -17.73
N ALA A 288 6.28 -8.81 -18.11
CA ALA A 288 7.09 -7.71 -18.62
C ALA A 288 7.01 -6.49 -17.72
N GLY A 289 6.76 -6.71 -16.44
CA GLY A 289 6.70 -5.60 -15.51
C GLY A 289 8.06 -5.01 -15.23
N THR A 290 8.05 -3.72 -14.91
CA THR A 290 9.26 -3.01 -14.51
C THR A 290 9.56 -3.13 -13.03
N GLY A 291 8.65 -3.72 -12.24
CA GLY A 291 8.82 -3.78 -10.81
C GLY A 291 10.00 -4.64 -10.38
N THR A 292 10.17 -4.74 -9.06
CA THR A 292 11.15 -5.64 -8.46
C THR A 292 10.44 -6.52 -7.44
N LYS A 293 10.67 -7.82 -7.53
CA LYS A 293 9.99 -8.84 -6.73
C LYS A 293 10.87 -9.26 -5.57
N VAL A 294 10.32 -9.31 -4.35
CA VAL A 294 11.07 -9.70 -3.17
C VAL A 294 10.57 -11.07 -2.70
N VAL A 295 11.48 -12.04 -2.58
CA VAL A 295 11.18 -13.38 -2.09
C VAL A 295 12.08 -13.67 -0.88
N ARG A 296 11.75 -14.72 -0.13
CA ARG A 296 12.52 -15.05 1.06
C ARG A 296 13.76 -15.85 0.71
N GLY A 297 14.78 -15.74 1.57
CA GLY A 297 16.01 -16.48 1.40
C GLY A 297 17.18 -15.94 2.20
#